data_2Y2K
#
_entry.id   2Y2K
#
_cell.length_a   98.309
_cell.length_b   149.908
_cell.length_c   97.578
_cell.angle_alpha   90.00
_cell.angle_beta   90.00
_cell.angle_gamma   90.00
#
_symmetry.space_group_name_H-M   'C 2 2 21'
#
loop_
_entity.id
_entity.type
_entity.pdbx_description
1 polymer 'PENICILLIN-BINDING PROTEIN 1B'
2 non-polymer [(2,6-DIFLUOROPHENYL)CARBONYLAMINO]METHYL-TRIHYDROXY-BORON
3 non-polymer 'SULFATE ION'
4 non-polymer 'CHLORIDE ION'
5 non-polymer 'SODIUM ION'
6 non-polymer 1,2-ETHANEDIOL
7 water water
#
_entity_poly.entity_id   1
_entity_poly.type   'polypeptide(L)'
_entity_poly.pdbx_seq_one_letter_code
;DISSISEITYSDGTVIASIESDLLRQDFLPSGTVTGISRDYLYFTTLAEAQERMYDYLAQRDNVSAKELKNEATQKFYRD
LAAKEIENGGYKITTTIDQKIHSAMQSAVADYGYLLDDGTGRVEVGNVLMDNQTGAILGFVGGRNYQENQNNHAFDTKRS
PASTTKPLLAYGIAIDQGLMGSETILSNYPTNFANGNPIMYANSKGTGMMTLGEALNYSWNIPAYWTYRMLRENGVDVKG
YMEKMGYEIPEYGIESLPMGGGIEVTVAQHTNGYQTLANNGVYHQKHVISKIEAADGRVVYEYQDKPVQVYSKATATIMQ
GLLREVLSSRVTTTFKSNLTSLNPTLANADWIGKTGTTGQDENMWLMLSTPRLTLGGWIGHDDNHSLSQQAGYSNNSNYM
AHLVNAIQQASPSIWGNERFALDPSVVKSEVLKSTGQKPGKVSVEGKEVEVTGSTVTSYWANKSGAPATSYRFAIGGSDA
DYQNAWSSIVGSLP
;
_entity_poly.pdbx_strand_id   A
#
# COMPACT_ATOMS: atom_id res chain seq x y z
N SER A 6 -29.35 12.71 18.88
CA SER A 6 -28.33 11.86 18.11
C SER A 6 -26.86 12.35 18.18
N GLU A 7 -25.92 11.48 18.52
CA GLU A 7 -24.51 11.88 18.50
C GLU A 7 -23.49 10.91 17.90
N ILE A 8 -22.45 11.49 17.30
CA ILE A 8 -21.26 10.76 16.85
C ILE A 8 -20.16 10.93 17.90
N THR A 9 -19.60 9.82 18.34
CA THR A 9 -18.51 9.86 19.32
C THR A 9 -17.20 9.28 18.77
N TYR A 10 -16.11 9.72 19.38
CA TYR A 10 -14.82 9.03 19.31
C TYR A 10 -14.93 7.64 19.92
N SER A 11 -13.82 6.92 19.91
CA SER A 11 -13.80 5.53 20.35
C SER A 11 -13.95 5.37 21.86
N ASP A 12 -13.60 6.40 22.64
CA ASP A 12 -13.86 6.39 24.10
C ASP A 12 -15.27 6.87 24.50
N GLY A 13 -16.14 7.14 23.53
CA GLY A 13 -17.50 7.61 23.85
C GLY A 13 -17.64 9.13 23.91
N THR A 14 -16.52 9.85 24.06
CA THR A 14 -16.49 11.31 23.95
C THR A 14 -17.20 11.78 22.67
N VAL A 15 -18.14 12.70 22.82
CA VAL A 15 -18.93 13.19 21.71
C VAL A 15 -18.14 14.08 20.72
N ILE A 16 -18.17 13.69 19.44
CA ILE A 16 -17.71 14.52 18.32
C ILE A 16 -18.72 15.62 17.98
N ALA A 17 -20.01 15.29 17.87
CA ALA A 17 -21.06 16.24 17.50
C ALA A 17 -22.44 15.57 17.66
N SER A 18 -23.50 16.37 17.86
CA SER A 18 -24.88 15.90 17.58
C SER A 18 -25.40 16.19 16.16
N ILE A 19 -26.29 15.35 15.65
CA ILE A 19 -26.84 15.60 14.32
C ILE A 19 -27.94 16.68 14.25
N ARG A 39 -18.85 20.78 11.02
CA ARG A 39 -18.38 21.29 9.73
C ARG A 39 -16.89 21.04 9.39
N ASP A 40 -16.51 19.78 9.43
CA ASP A 40 -15.26 19.37 8.82
C ASP A 40 -15.32 17.91 8.31
N TYR A 41 -14.18 17.42 7.80
CA TYR A 41 -14.08 16.07 7.27
C TYR A 41 -14.59 14.96 8.23
N LEU A 42 -14.06 14.94 9.46
CA LEU A 42 -14.51 13.99 10.49
C LEU A 42 -16.05 13.86 10.53
N TYR A 43 -16.75 15.00 10.68
CA TYR A 43 -18.19 14.99 10.76
C TYR A 43 -18.87 14.35 9.52
N PHE A 44 -18.56 14.88 8.34
CA PHE A 44 -19.25 14.43 7.14
C PHE A 44 -18.93 12.97 6.76
N THR A 45 -17.67 12.58 6.98
CA THR A 45 -17.19 11.22 6.70
C THR A 45 -17.86 10.20 7.62
N THR A 46 -17.86 10.45 8.92
CA THR A 46 -18.51 9.55 9.87
C THR A 46 -20.05 9.55 9.68
N LEU A 47 -20.62 10.73 9.38
CA LEU A 47 -22.08 10.84 9.15
C LEU A 47 -22.48 10.00 7.92
N ALA A 48 -21.71 10.16 6.83
CA ALA A 48 -21.95 9.40 5.59
C ALA A 48 -21.85 7.87 5.76
N GLU A 49 -20.86 7.40 6.46
CA GLU A 49 -20.75 5.97 6.59
C GLU A 49 -21.93 5.48 7.44
N ALA A 50 -22.28 6.26 8.47
CA ALA A 50 -23.35 5.93 9.42
C ALA A 50 -24.70 5.83 8.69
N GLN A 51 -24.95 6.80 7.83
CA GLN A 51 -26.12 6.77 6.96
C GLN A 51 -26.16 5.55 6.06
N GLU A 52 -25.01 5.11 5.51
CA GLU A 52 -24.99 3.87 4.74
C GLU A 52 -25.45 2.69 5.61
N ARG A 53 -24.91 2.61 6.83
CA ARG A 53 -25.25 1.50 7.74
C ARG A 53 -26.75 1.53 8.12
N MET A 54 -27.30 2.73 8.32
CA MET A 54 -28.71 2.93 8.63
C MET A 54 -29.63 2.51 7.49
N TYR A 55 -29.17 2.72 6.26
CA TYR A 55 -29.87 2.35 5.06
C TYR A 55 -30.07 0.84 4.95
N ASP A 56 -29.01 0.06 5.23
CA ASP A 56 -29.12 -1.41 5.18
C ASP A 56 -30.02 -1.90 6.28
N TYR A 57 -29.80 -1.35 7.47
CA TYR A 57 -30.64 -1.67 8.63
C TYR A 57 -32.14 -1.52 8.29
N LEU A 58 -32.51 -0.33 7.78
CA LEU A 58 -33.90 0.03 7.42
C LEU A 58 -34.52 -0.78 6.26
N ALA A 59 -33.77 -0.97 5.18
CA ALA A 59 -34.22 -1.89 4.11
C ALA A 59 -34.64 -3.26 4.70
N GLN A 60 -33.71 -3.88 5.43
CA GLN A 60 -33.93 -5.11 6.16
C GLN A 60 -35.17 -5.00 7.07
N ARG A 61 -35.19 -4.00 7.95
CA ARG A 61 -36.23 -3.91 8.96
C ARG A 61 -37.63 -3.85 8.30
N ASP A 62 -37.78 -3.03 7.26
CA ASP A 62 -39.01 -2.96 6.48
C ASP A 62 -39.26 -4.14 5.54
N ASN A 63 -38.40 -5.16 5.55
CA ASN A 63 -38.58 -6.35 4.69
C ASN A 63 -38.56 -6.03 3.18
N VAL A 64 -37.69 -5.11 2.79
CA VAL A 64 -37.53 -4.74 1.40
C VAL A 64 -36.56 -5.74 0.80
N SER A 65 -37.03 -6.53 -0.15
CA SER A 65 -36.19 -7.47 -0.91
C SER A 65 -35.10 -6.77 -1.71
N ALA A 66 -33.91 -7.37 -1.77
CA ALA A 66 -32.83 -6.89 -2.63
C ALA A 66 -33.24 -6.73 -4.11
N LYS A 67 -34.35 -7.38 -4.50
CA LYS A 67 -35.03 -7.06 -5.76
C LYS A 67 -35.62 -5.65 -5.76
N GLU A 68 -36.54 -5.38 -4.83
CA GLU A 68 -37.19 -4.06 -4.80
C GLU A 68 -36.19 -2.95 -4.49
N LEU A 69 -35.10 -3.32 -3.82
CA LEU A 69 -34.00 -2.40 -3.55
C LEU A 69 -33.16 -2.06 -4.77
N LYS A 70 -33.61 -2.47 -5.96
CA LYS A 70 -32.84 -2.22 -7.19
C LYS A 70 -33.49 -1.09 -7.99
N ASN A 71 -34.78 -0.90 -7.71
CA ASN A 71 -35.50 0.31 -8.01
C ASN A 71 -34.80 1.54 -7.43
N GLU A 72 -34.47 2.49 -8.29
CA GLU A 72 -33.78 3.69 -7.83
C GLU A 72 -34.69 4.70 -7.10
N ALA A 73 -36.00 4.69 -7.40
CA ALA A 73 -36.96 5.40 -6.57
C ALA A 73 -36.95 4.92 -5.11
N THR A 74 -37.08 3.62 -4.89
CA THR A 74 -36.99 3.11 -3.53
C THR A 74 -35.61 3.31 -2.85
N GLN A 75 -34.53 3.17 -3.63
CA GLN A 75 -33.21 3.45 -3.07
C GLN A 75 -33.13 4.85 -2.47
N LYS A 76 -33.59 5.82 -3.26
CA LYS A 76 -33.47 7.20 -2.89
C LYS A 76 -34.32 7.54 -1.64
N PHE A 77 -35.50 6.94 -1.54
CA PHE A 77 -36.37 7.11 -0.35
C PHE A 77 -35.73 6.54 0.92
N TYR A 78 -35.12 5.35 0.81
CA TYR A 78 -34.36 4.76 1.91
C TYR A 78 -33.10 5.56 2.29
N ARG A 79 -32.49 6.26 1.34
CA ARG A 79 -31.30 7.03 1.72
CA ARG A 79 -31.29 7.07 1.65
C ARG A 79 -31.74 8.30 2.43
N ASP A 80 -32.86 8.86 2.02
CA ASP A 80 -33.36 10.04 2.73
C ASP A 80 -33.92 9.60 4.09
N LEU A 81 -34.62 8.46 4.10
CA LEU A 81 -35.06 7.90 5.37
C LEU A 81 -33.92 7.73 6.37
N ALA A 82 -32.77 7.23 5.90
CA ALA A 82 -31.69 6.86 6.81
C ALA A 82 -31.05 8.15 7.38
N ALA A 83 -30.98 9.15 6.51
CA ALA A 83 -30.55 10.51 6.93
C ALA A 83 -31.45 11.10 8.01
N LYS A 84 -32.76 11.18 7.76
CA LYS A 84 -33.68 11.76 8.78
C LYS A 84 -33.69 10.92 10.05
N GLU A 85 -33.51 9.62 9.90
CA GLU A 85 -33.56 8.69 11.03
C GLU A 85 -32.45 9.01 12.03
N ILE A 86 -31.28 9.41 11.51
CA ILE A 86 -30.22 10.01 12.34
C ILE A 86 -30.49 11.42 12.89
N GLU A 87 -30.89 12.38 12.04
CA GLU A 87 -31.26 13.72 12.54
C GLU A 87 -32.25 13.65 13.69
N ASN A 88 -33.38 13.00 13.44
CA ASN A 88 -34.47 12.90 14.40
C ASN A 88 -34.23 11.98 15.59
N GLY A 89 -33.62 10.81 15.37
CA GLY A 89 -33.56 9.75 16.38
C GLY A 89 -32.59 10.02 17.52
N GLY A 90 -32.45 9.09 18.44
CA GLY A 90 -31.49 9.28 19.50
C GLY A 90 -30.35 8.29 19.44
N TYR A 91 -29.85 8.04 18.24
CA TYR A 91 -28.76 7.07 18.01
C TYR A 91 -27.38 7.48 18.52
N LYS A 92 -26.61 6.47 18.88
CA LYS A 92 -25.26 6.63 19.37
C LYS A 92 -24.36 5.88 18.44
N ILE A 93 -23.66 6.65 17.59
CA ILE A 93 -22.73 6.12 16.61
C ILE A 93 -21.32 6.17 17.16
N THR A 94 -20.74 4.98 17.33
CA THR A 94 -19.38 4.83 17.84
C THR A 94 -18.33 4.70 16.71
N THR A 95 -17.49 5.74 16.51
CA THR A 95 -16.40 5.60 15.54
C THR A 95 -15.19 4.98 16.19
N THR A 96 -14.25 4.55 15.34
CA THR A 96 -12.89 4.09 15.69
C THR A 96 -11.90 5.24 15.88
N ILE A 97 -12.35 6.45 15.57
CA ILE A 97 -11.44 7.60 15.54
C ILE A 97 -10.85 7.84 16.92
N ASP A 98 -9.54 8.08 16.97
CA ASP A 98 -8.89 8.47 18.22
C ASP A 98 -8.79 10.01 18.31
N GLN A 99 -9.45 10.62 19.29
CA GLN A 99 -9.56 12.06 19.34
C GLN A 99 -8.24 12.87 19.48
N LYS A 100 -7.39 12.54 20.43
CA LYS A 100 -6.06 13.17 20.44
C LYS A 100 -5.36 13.01 19.09
N ILE A 101 -5.38 11.80 18.54
CA ILE A 101 -4.62 11.56 17.32
C ILE A 101 -5.16 12.35 16.11
N HIS A 102 -6.48 12.32 15.96
CA HIS A 102 -7.04 12.92 14.78
C HIS A 102 -6.90 14.47 14.87
N SER A 103 -7.07 15.04 16.06
CA SER A 103 -6.75 16.46 16.23
C SER A 103 -5.32 16.85 15.87
N ALA A 104 -4.36 16.02 16.29
CA ALA A 104 -2.96 16.30 16.07
C ALA A 104 -2.76 16.21 14.56
N MET A 105 -3.51 15.32 13.92
CA MET A 105 -3.35 15.16 12.44
C MET A 105 -3.84 16.40 11.71
N GLN A 106 -4.89 17.01 12.26
CA GLN A 106 -5.48 18.23 11.70
C GLN A 106 -4.57 19.43 11.96
N SER A 107 -4.08 19.57 13.18
CA SER A 107 -3.06 20.61 13.47
C SER A 107 -1.84 20.52 12.56
N ALA A 108 -1.39 19.29 12.32
CA ALA A 108 -0.21 19.06 11.53
C ALA A 108 -0.41 19.53 10.09
N VAL A 109 -1.62 19.40 9.54
CA VAL A 109 -1.77 19.62 8.11
C VAL A 109 -2.02 21.11 7.90
N ALA A 110 -2.60 21.71 8.93
CA ALA A 110 -2.78 23.15 8.99
C ALA A 110 -1.44 23.84 9.14
N ASP A 111 -0.56 23.32 10.00
CA ASP A 111 0.77 23.95 10.18
C ASP A 111 1.78 23.64 9.07
N TYR A 112 1.72 22.46 8.47
CA TYR A 112 2.87 22.00 7.70
C TYR A 112 2.51 21.68 6.27
N GLY A 113 1.19 21.75 6.02
CA GLY A 113 0.67 21.47 4.70
C GLY A 113 1.29 22.39 3.65
N TYR A 114 1.65 23.62 4.01
CA TYR A 114 2.32 24.51 3.03
C TYR A 114 3.64 23.90 2.49
N LEU A 115 4.25 23.00 3.25
CA LEU A 115 5.44 22.27 2.81
C LEU A 115 5.25 21.39 1.59
N LEU A 116 4.00 21.11 1.24
CA LEU A 116 3.73 20.35 0.02
C LEU A 116 3.76 21.23 -1.23
N ASP A 117 3.61 22.56 -1.08
CA ASP A 117 3.50 23.39 -2.28
C ASP A 117 4.82 23.52 -3.01
N ASP A 118 4.90 23.03 -4.24
CA ASP A 118 6.21 22.81 -4.87
C ASP A 118 6.38 23.69 -6.05
N GLY A 119 5.62 24.78 -6.09
CA GLY A 119 5.61 25.66 -7.25
C GLY A 119 4.88 25.08 -8.45
N THR A 120 4.01 24.09 -8.27
CA THR A 120 3.06 23.71 -9.34
C THR A 120 1.62 24.06 -8.95
N GLY A 121 1.43 25.13 -8.16
CA GLY A 121 0.13 25.49 -7.57
C GLY A 121 -0.12 24.76 -6.23
N ARG A 122 -1.27 25.07 -5.60
CA ARG A 122 -1.70 24.40 -4.39
C ARG A 122 -1.82 22.89 -4.56
N VAL A 123 -1.13 22.20 -3.66
CA VAL A 123 -1.06 20.75 -3.60
C VAL A 123 -2.03 20.16 -2.56
N GLU A 124 -2.88 19.25 -3.03
CA GLU A 124 -3.82 18.56 -2.14
C GLU A 124 -3.28 17.25 -1.59
N VAL A 125 -3.93 16.78 -0.53
CA VAL A 125 -3.42 15.68 0.24
C VAL A 125 -4.48 14.82 0.90
N GLY A 126 -4.15 13.56 1.15
CA GLY A 126 -4.97 12.72 2.00
C GLY A 126 -4.12 11.70 2.68
N ASN A 127 -4.49 11.40 3.92
CA ASN A 127 -3.78 10.41 4.71
C ASN A 127 -4.78 9.58 5.47
N VAL A 128 -4.42 8.32 5.79
CA VAL A 128 -5.26 7.51 6.65
C VAL A 128 -4.40 6.67 7.53
N LEU A 129 -4.64 6.71 8.85
CA LEU A 129 -3.85 6.00 9.87
C LEU A 129 -4.62 4.79 10.39
N MET A 130 -4.05 3.61 10.22
CA MET A 130 -4.79 2.37 10.43
C MET A 130 -4.09 1.43 11.40
N ASP A 131 -4.91 0.84 12.26
CA ASP A 131 -4.44 -0.12 13.27
C ASP A 131 -4.30 -1.45 12.60
N ASN A 132 -3.10 -2.05 12.63
CA ASN A 132 -2.78 -3.20 11.77
C ASN A 132 -3.48 -4.46 12.18
N GLN A 133 -3.85 -4.52 13.45
CA GLN A 133 -4.51 -5.71 14.02
C GLN A 133 -6.03 -5.69 13.91
N THR A 134 -6.64 -4.53 13.67
CA THR A 134 -8.07 -4.48 13.62
C THR A 134 -8.64 -3.89 12.31
N GLY A 135 -7.82 -3.22 11.52
CA GLY A 135 -8.37 -2.47 10.38
C GLY A 135 -8.98 -1.14 10.81
N ALA A 136 -8.95 -0.82 12.09
CA ALA A 136 -9.69 0.37 12.52
C ALA A 136 -8.95 1.64 12.14
N ILE A 137 -9.66 2.65 11.66
CA ILE A 137 -9.04 3.88 11.21
C ILE A 137 -8.98 4.86 12.41
N LEU A 138 -7.77 5.27 12.82
CA LEU A 138 -7.63 6.07 14.03
C LEU A 138 -7.79 7.60 13.82
N GLY A 139 -7.53 8.05 12.59
CA GLY A 139 -7.36 9.46 12.26
C GLY A 139 -7.09 9.55 10.76
N PHE A 140 -7.44 10.65 10.12
CA PHE A 140 -7.13 10.80 8.71
C PHE A 140 -7.06 12.29 8.43
N VAL A 141 -6.57 12.57 7.25
CA VAL A 141 -6.48 13.91 6.74
C VAL A 141 -7.24 13.89 5.39
N GLY A 142 -8.27 14.72 5.29
CA GLY A 142 -9.11 14.81 4.08
C GLY A 142 -8.63 15.80 3.02
N GLY A 143 -7.74 16.71 3.38
CA GLY A 143 -7.28 17.73 2.44
C GLY A 143 -6.65 18.86 3.25
N ARG A 144 -6.17 19.90 2.57
CA ARG A 144 -5.43 21.03 3.19
C ARG A 144 -6.38 21.84 4.08
N ASN A 145 -7.64 21.97 3.68
CA ASN A 145 -8.53 22.84 4.42
C ASN A 145 -9.96 22.66 3.94
N TYR A 146 -10.84 22.09 4.76
CA TYR A 146 -12.23 21.84 4.33
C TYR A 146 -12.98 23.07 3.89
N GLN A 147 -12.63 24.21 4.48
CA GLN A 147 -13.41 25.43 4.27
C GLN A 147 -13.11 25.98 2.88
N GLU A 148 -11.94 25.65 2.34
CA GLU A 148 -11.51 26.13 1.03
C GLU A 148 -11.81 25.08 -0.05
N ASN A 149 -11.80 23.81 0.36
CA ASN A 149 -12.04 22.69 -0.57
C ASN A 149 -12.60 21.46 0.18
N GLN A 150 -13.81 21.05 -0.23
CA GLN A 150 -14.52 20.00 0.48
C GLN A 150 -14.09 18.61 0.11
N ASN A 151 -13.47 18.42 -1.05
CA ASN A 151 -13.24 17.05 -1.55
C ASN A 151 -12.53 16.18 -0.54
N ASN A 152 -13.09 15.00 -0.23
CA ASN A 152 -12.39 14.11 0.73
C ASN A 152 -11.28 13.23 0.13
N HIS A 153 -10.02 13.66 0.28
CA HIS A 153 -8.91 12.95 -0.35
C HIS A 153 -8.51 11.69 0.41
N ALA A 154 -9.17 11.45 1.54
CA ALA A 154 -8.85 10.24 2.27
C ALA A 154 -9.77 9.08 1.94
N PHE A 155 -11.00 9.40 1.52
CA PHE A 155 -12.08 8.40 1.54
C PHE A 155 -12.81 8.32 0.21
N ASP A 156 -12.79 9.40 -0.55
CA ASP A 156 -13.53 9.46 -1.82
C ASP A 156 -12.67 9.50 -3.07
N THR A 157 -11.60 10.28 -3.14
CA THR A 157 -10.91 10.46 -4.43
C THR A 157 -10.01 9.28 -4.76
N LYS A 158 -9.92 8.96 -6.05
CA LYS A 158 -9.31 7.73 -6.50
C LYS A 158 -8.24 8.03 -7.52
N ARG A 159 -7.06 7.49 -7.30
CA ARG A 159 -5.95 7.79 -8.15
C ARG A 159 -5.13 6.51 -8.28
N SER A 160 -4.40 6.40 -9.36
CA SER A 160 -3.41 5.34 -9.46
C SER A 160 -2.45 5.30 -8.23
N PRO A 161 -2.28 4.10 -7.64
CA PRO A 161 -1.26 3.88 -6.59
C PRO A 161 0.20 3.79 -7.12
N ALA A 162 0.37 3.71 -8.44
CA ALA A 162 1.67 3.75 -9.06
C ALA A 162 2.53 2.65 -8.45
N SER A 163 3.82 2.87 -8.27
CA SER A 163 4.70 1.82 -7.80
C SER A 163 4.43 1.17 -6.45
N THR A 164 3.59 1.78 -5.62
CA THR A 164 3.22 1.10 -4.38
C THR A 164 2.36 -0.11 -4.70
N THR A 165 1.98 -0.27 -5.98
CA THR A 165 1.39 -1.53 -6.43
C THR A 165 2.36 -2.70 -6.42
N LYS A 166 3.63 -2.43 -6.63
CA LYS A 166 4.60 -3.48 -6.83
C LYS A 166 4.66 -4.50 -5.68
N PRO A 167 4.84 -4.05 -4.45
CA PRO A 167 5.05 -5.04 -3.39
C PRO A 167 3.82 -6.00 -3.30
N LEU A 168 2.63 -5.49 -3.60
CA LEU A 168 1.38 -6.23 -3.45
C LEU A 168 1.11 -7.19 -4.60
N LEU A 169 1.12 -6.66 -5.84
CA LEU A 169 0.59 -7.39 -6.97
C LEU A 169 1.68 -8.11 -7.73
N ALA A 170 2.92 -7.68 -7.60
CA ALA A 170 3.97 -8.35 -8.37
C ALA A 170 4.85 -9.19 -7.46
N TYR A 171 5.68 -8.58 -6.65
CA TYR A 171 6.71 -9.34 -5.92
C TYR A 171 6.15 -10.21 -4.79
N GLY A 172 5.26 -9.59 -3.99
CA GLY A 172 4.60 -10.34 -2.92
C GLY A 172 3.95 -11.62 -3.42
N ILE A 173 3.32 -11.57 -4.59
CA ILE A 173 2.64 -12.76 -5.05
C ILE A 173 3.65 -13.75 -5.57
N ALA A 174 4.70 -13.22 -6.17
CA ALA A 174 5.65 -14.09 -6.82
C ALA A 174 6.29 -14.89 -5.69
N ILE A 175 6.50 -14.25 -4.54
CA ILE A 175 7.19 -14.90 -3.44
C ILE A 175 6.26 -15.92 -2.79
N ASP A 176 4.98 -15.55 -2.68
CA ASP A 176 3.99 -16.39 -2.02
C ASP A 176 3.71 -17.63 -2.84
N GLN A 177 3.79 -17.52 -4.19
CA GLN A 177 3.71 -18.68 -5.12
C GLN A 177 5.00 -19.46 -5.17
N GLY A 178 6.01 -19.00 -4.43
CA GLY A 178 7.32 -19.63 -4.42
C GLY A 178 8.01 -19.53 -5.77
N LEU A 179 7.76 -18.42 -6.46
CA LEU A 179 8.35 -18.16 -7.79
C LEU A 179 9.55 -17.25 -7.74
N MET A 180 9.81 -16.66 -6.56
CA MET A 180 11.05 -15.93 -6.33
C MET A 180 11.28 -15.80 -4.84
N GLY A 181 12.48 -15.36 -4.51
CA GLY A 181 12.93 -15.23 -3.14
C GLY A 181 13.69 -13.91 -3.02
N SER A 182 14.14 -13.56 -1.81
CA SER A 182 14.50 -12.18 -1.51
C SER A 182 15.73 -11.63 -2.28
N GLU A 183 16.61 -12.54 -2.71
CA GLU A 183 17.80 -12.16 -3.43
C GLU A 183 17.75 -12.66 -4.88
N THR A 184 16.57 -13.11 -5.30
CA THR A 184 16.35 -13.46 -6.71
C THR A 184 16.71 -12.30 -7.65
N ILE A 185 17.22 -12.63 -8.83
CA ILE A 185 17.69 -11.63 -9.80
C ILE A 185 16.63 -11.33 -10.87
N LEU A 186 16.42 -10.05 -11.18
CA LEU A 186 15.51 -9.66 -12.29
C LEU A 186 16.19 -8.86 -13.44
N SER A 187 15.62 -8.92 -14.64
CA SER A 187 16.12 -8.09 -15.75
C SER A 187 15.63 -6.66 -15.62
N ASN A 188 16.57 -5.72 -15.75
CA ASN A 188 16.20 -4.34 -15.97
C ASN A 188 16.87 -3.83 -17.21
N TYR A 189 17.14 -4.75 -18.14
CA TYR A 189 17.59 -4.38 -19.47
C TYR A 189 16.41 -3.74 -20.21
N PRO A 190 16.71 -2.81 -21.13
CA PRO A 190 15.70 -2.24 -22.01
C PRO A 190 14.74 -3.28 -22.59
N THR A 191 13.44 -2.98 -22.57
CA THR A 191 12.46 -3.76 -23.35
C THR A 191 11.25 -2.86 -23.58
N ASN A 192 10.46 -3.14 -24.62
CA ASN A 192 9.27 -2.35 -25.02
C ASN A 192 7.93 -2.96 -24.60
N PHE A 193 6.92 -2.11 -24.43
CA PHE A 193 5.52 -2.59 -24.42
C PHE A 193 5.16 -3.26 -25.76
N ALA A 194 4.06 -4.00 -25.81
CA ALA A 194 3.76 -4.69 -27.07
C ALA A 194 3.53 -3.72 -28.24
N ASN A 195 3.12 -2.50 -27.95
CA ASN A 195 2.95 -1.47 -28.98
C ASN A 195 4.24 -0.90 -29.58
N GLY A 196 5.42 -1.28 -29.09
CA GLY A 196 6.69 -0.72 -29.59
C GLY A 196 7.40 0.34 -28.74
N ASN A 197 6.67 1.09 -27.92
CA ASN A 197 7.29 2.00 -26.97
C ASN A 197 8.12 1.31 -25.89
N PRO A 198 9.27 1.89 -25.60
CA PRO A 198 10.09 1.41 -24.51
C PRO A 198 9.49 1.67 -23.11
N ILE A 199 9.71 0.73 -22.20
CA ILE A 199 9.27 0.89 -20.83
C ILE A 199 10.28 1.80 -20.16
N MET A 200 9.82 2.97 -19.71
CA MET A 200 10.68 4.02 -19.18
C MET A 200 10.64 3.97 -17.68
N TYR A 201 11.70 4.45 -17.04
CA TYR A 201 11.62 4.79 -15.63
C TYR A 201 12.43 6.05 -15.40
N ALA A 202 11.84 7.04 -14.73
CA ALA A 202 12.16 8.42 -15.04
C ALA A 202 12.47 8.52 -16.53
N ASN A 203 13.70 8.87 -16.83
CA ASN A 203 14.03 9.01 -18.22
C ASN A 203 15.11 8.04 -18.56
N SER A 204 15.12 6.96 -17.83
CA SER A 204 16.00 5.87 -18.18
C SER A 204 15.24 4.76 -18.92
N LYS A 205 15.90 4.22 -19.94
CA LYS A 205 15.39 3.13 -20.75
C LYS A 205 15.74 1.76 -20.15
N GLY A 206 16.47 1.78 -19.04
CA GLY A 206 16.94 0.55 -18.38
C GLY A 206 18.46 0.44 -18.19
N THR A 207 18.89 -0.60 -17.50
CA THR A 207 20.30 -0.83 -17.25
C THR A 207 20.63 -2.29 -17.60
N GLY A 208 20.76 -3.12 -16.56
CA GLY A 208 21.12 -4.54 -16.66
C GLY A 208 20.43 -5.36 -15.59
N MET A 209 20.97 -6.53 -15.24
CA MET A 209 20.35 -7.37 -14.22
C MET A 209 20.44 -6.66 -12.88
N MET A 210 19.63 -7.10 -11.92
CA MET A 210 19.70 -6.55 -10.55
C MET A 210 18.90 -7.41 -9.59
N THR A 211 19.24 -7.32 -8.32
CA THR A 211 18.51 -8.05 -7.27
C THR A 211 17.15 -7.46 -7.00
N LEU A 212 16.32 -8.22 -6.30
CA LEU A 212 14.98 -7.74 -5.95
C LEU A 212 15.06 -6.50 -5.07
N GLY A 213 16.07 -6.45 -4.21
CA GLY A 213 16.19 -5.33 -3.28
C GLY A 213 16.54 -4.03 -4.01
N GLU A 214 17.45 -4.11 -4.98
CA GLU A 214 17.76 -2.93 -5.76
C GLU A 214 16.57 -2.46 -6.62
N ALA A 215 15.82 -3.41 -7.18
CA ALA A 215 14.63 -3.08 -7.96
C ALA A 215 13.64 -2.37 -7.04
N LEU A 216 13.50 -2.86 -5.80
CA LEU A 216 12.56 -2.23 -4.89
C LEU A 216 13.02 -0.87 -4.41
N ASN A 217 14.29 -0.77 -3.99
CA ASN A 217 14.78 0.46 -3.40
C ASN A 217 14.71 1.56 -4.46
N TYR A 218 15.02 1.22 -5.72
CA TYR A 218 15.02 2.21 -6.81
C TYR A 218 13.64 2.37 -7.42
N SER A 219 12.84 1.32 -7.30
CA SER A 219 11.50 1.27 -7.90
C SER A 219 11.45 1.15 -9.42
N TRP A 220 12.41 0.48 -10.01
CA TRP A 220 12.43 0.40 -11.47
C TRP A 220 11.20 -0.32 -11.97
N ASN A 221 10.85 -0.08 -13.24
CA ASN A 221 9.64 -0.62 -13.83
C ASN A 221 9.83 -1.97 -14.51
N ILE A 222 10.91 -2.14 -15.28
CA ILE A 222 11.10 -3.38 -16.03
C ILE A 222 11.11 -4.67 -15.18
N PRO A 223 11.73 -4.67 -14.00
CA PRO A 223 11.63 -5.86 -13.14
C PRO A 223 10.19 -6.19 -12.80
N ALA A 224 9.38 -5.19 -12.48
CA ALA A 224 7.95 -5.45 -12.22
C ALA A 224 7.15 -5.99 -13.43
N TYR A 225 7.30 -5.36 -14.59
CA TYR A 225 6.74 -5.84 -15.83
C TYR A 225 6.98 -7.36 -15.98
N TRP A 226 8.25 -7.74 -15.94
CA TRP A 226 8.65 -9.13 -16.13
C TRP A 226 8.08 -10.05 -15.02
N THR A 227 8.08 -9.59 -13.78
CA THR A 227 7.40 -10.30 -12.70
C THR A 227 5.93 -10.61 -12.97
N TYR A 228 5.15 -9.66 -13.49
CA TYR A 228 3.72 -9.90 -13.65
C TYR A 228 3.56 -10.86 -14.82
N ARG A 229 4.44 -10.75 -15.80
CA ARG A 229 4.43 -11.66 -16.94
CA ARG A 229 4.32 -11.65 -16.92
C ARG A 229 4.64 -13.11 -16.53
N MET A 230 5.58 -13.30 -15.62
CA MET A 230 5.85 -14.61 -15.12
C MET A 230 4.62 -15.09 -14.36
N LEU A 231 3.99 -14.24 -13.54
CA LEU A 231 2.73 -14.63 -12.90
C LEU A 231 1.67 -15.10 -13.91
N ARG A 232 1.44 -14.31 -14.95
CA ARG A 232 0.51 -14.69 -16.03
C ARG A 232 0.92 -16.02 -16.69
N GLU A 233 2.19 -16.16 -16.99
CA GLU A 233 2.67 -17.38 -17.60
C GLU A 233 2.31 -18.61 -16.78
N ASN A 234 2.42 -18.51 -15.47
CA ASN A 234 2.13 -19.67 -14.61
C ASN A 234 0.66 -19.70 -14.21
N GLY A 235 -0.20 -19.01 -14.96
CA GLY A 235 -1.61 -18.81 -14.59
C GLY A 235 -2.00 -18.49 -13.14
N VAL A 236 -1.23 -17.64 -12.45
CA VAL A 236 -1.52 -17.37 -11.06
C VAL A 236 -2.82 -16.59 -10.86
N ASP A 237 -3.56 -16.92 -9.80
CA ASP A 237 -4.82 -16.23 -9.53
C ASP A 237 -4.62 -14.87 -8.83
N VAL A 238 -4.17 -13.90 -9.61
CA VAL A 238 -3.71 -12.67 -9.03
C VAL A 238 -4.89 -11.88 -8.52
N LYS A 239 -5.99 -11.94 -9.27
CA LYS A 239 -7.24 -11.38 -8.84
C LYS A 239 -7.65 -11.85 -7.44
N GLY A 240 -7.58 -13.16 -7.20
CA GLY A 240 -7.91 -13.70 -5.88
C GLY A 240 -7.23 -12.97 -4.73
N TYR A 241 -5.92 -12.75 -4.88
CA TYR A 241 -5.19 -12.01 -3.88
C TYR A 241 -5.79 -10.62 -3.70
N MET A 242 -6.01 -9.93 -4.82
CA MET A 242 -6.27 -8.50 -4.71
C MET A 242 -7.69 -8.28 -4.15
N GLU A 243 -8.58 -9.21 -4.48
CA GLU A 243 -9.96 -9.10 -4.04
C GLU A 243 -10.11 -9.47 -2.59
N LYS A 244 -9.27 -10.38 -2.12
CA LYS A 244 -9.26 -10.60 -0.67
C LYS A 244 -8.95 -9.37 0.14
N MET A 245 -8.30 -8.38 -0.49
CA MET A 245 -7.95 -7.16 0.24
C MET A 245 -8.92 -6.03 -0.08
N GLY A 246 -9.99 -6.37 -0.82
CA GLY A 246 -11.05 -5.39 -1.16
C GLY A 246 -10.76 -4.45 -2.33
N TYR A 247 -9.75 -4.79 -3.16
CA TYR A 247 -9.39 -3.98 -4.32
C TYR A 247 -10.34 -4.37 -5.44
N GLU A 248 -10.86 -3.37 -6.18
CA GLU A 248 -11.58 -3.65 -7.41
C GLU A 248 -10.82 -3.24 -8.65
N ILE A 249 -10.31 -4.21 -9.40
CA ILE A 249 -9.56 -4.00 -10.64
C ILE A 249 -10.32 -4.60 -11.83
N PRO A 250 -10.69 -3.76 -12.79
CA PRO A 250 -11.68 -4.18 -13.73
C PRO A 250 -11.03 -5.10 -14.76
N GLU A 251 -9.74 -4.92 -15.03
CA GLU A 251 -9.09 -5.64 -16.11
C GLU A 251 -7.65 -6.00 -15.73
N TYR A 252 -7.35 -7.30 -15.66
CA TYR A 252 -6.03 -7.74 -15.22
C TYR A 252 -5.06 -7.89 -16.38
N GLY A 253 -5.61 -7.92 -17.59
CA GLY A 253 -4.79 -8.06 -18.78
C GLY A 253 -4.21 -6.74 -19.23
N ILE A 254 -3.22 -6.24 -18.48
CA ILE A 254 -2.69 -4.90 -18.76
C ILE A 254 -1.20 -4.91 -18.46
N GLU A 255 -0.38 -4.63 -19.46
CA GLU A 255 1.06 -4.79 -19.25
C GLU A 255 1.61 -3.96 -18.12
N SER A 256 1.03 -2.80 -17.87
CA SER A 256 1.60 -1.93 -16.83
C SER A 256 0.94 -2.09 -15.49
N LEU A 257 0.10 -3.12 -15.35
CA LEU A 257 -0.70 -3.22 -14.14
C LEU A 257 0.13 -3.13 -12.87
N PRO A 258 1.25 -3.85 -12.83
CA PRO A 258 2.03 -3.94 -11.60
C PRO A 258 2.71 -2.64 -11.24
N MET A 259 2.72 -1.68 -12.17
CA MET A 259 3.23 -0.34 -11.90
C MET A 259 2.10 0.62 -11.54
N GLY A 260 0.89 0.11 -11.37
CA GLY A 260 -0.20 1.03 -11.16
C GLY A 260 -1.09 1.36 -12.33
N GLY A 261 -0.83 0.81 -13.53
CA GLY A 261 -1.68 1.06 -14.69
C GLY A 261 -2.99 0.30 -14.61
N GLY A 262 -4.12 0.99 -14.80
CA GLY A 262 -5.43 0.37 -14.72
C GLY A 262 -6.01 0.10 -13.34
N ILE A 263 -5.40 0.70 -12.36
CA ILE A 263 -5.88 0.64 -11.00
C ILE A 263 -6.09 2.06 -10.50
N GLU A 264 -7.09 2.23 -9.63
CA GLU A 264 -7.45 3.52 -9.10
C GLU A 264 -7.97 3.25 -7.69
N VAL A 265 -7.45 3.93 -6.66
CA VAL A 265 -7.80 3.51 -5.31
C VAL A 265 -7.97 4.71 -4.42
N THR A 266 -8.79 4.59 -3.36
CA THR A 266 -8.79 5.59 -2.27
C THR A 266 -7.58 5.39 -1.39
N VAL A 267 -7.25 6.41 -0.61
CA VAL A 267 -6.17 6.28 0.37
C VAL A 267 -6.58 5.29 1.45
N ALA A 268 -7.86 5.32 1.81
CA ALA A 268 -8.35 4.38 2.81
C ALA A 268 -8.18 2.91 2.35
N GLN A 269 -8.55 2.63 1.10
CA GLN A 269 -8.49 1.23 0.59
C GLN A 269 -7.03 0.82 0.49
N HIS A 270 -6.20 1.74 0.02
CA HIS A 270 -4.80 1.36 -0.26
C HIS A 270 -4.04 1.12 1.00
N THR A 271 -4.35 1.90 2.04
CA THR A 271 -3.74 1.72 3.37
C THR A 271 -4.02 0.27 3.85
N ASN A 272 -5.23 -0.19 3.55
CA ASN A 272 -5.71 -1.50 3.95
C ASN A 272 -4.81 -2.58 3.32
N GLY A 273 -4.24 -2.33 2.15
CA GLY A 273 -3.40 -3.36 1.48
C GLY A 273 -2.06 -3.40 2.23
N TYR A 274 -1.51 -2.22 2.51
CA TYR A 274 -0.28 -2.19 3.30
C TYR A 274 -0.47 -2.69 4.76
N GLN A 275 -1.70 -2.59 5.29
CA GLN A 275 -2.06 -3.21 6.55
C GLN A 275 -1.92 -4.75 6.44
N THR A 276 -2.32 -5.30 5.29
CA THR A 276 -2.16 -6.74 5.10
C THR A 276 -0.71 -7.25 5.23
N LEU A 277 0.22 -6.54 4.60
CA LEU A 277 1.62 -6.97 4.64
C LEU A 277 2.20 -6.71 6.01
N ALA A 278 1.83 -5.57 6.60
CA ALA A 278 2.27 -5.22 7.97
C ALA A 278 1.91 -6.30 9.01
N ASN A 279 0.65 -6.69 8.94
CA ASN A 279 0.05 -7.65 9.87
C ASN A 279 0.41 -9.13 9.59
N ASN A 280 1.67 -9.40 9.21
CA ASN A 280 2.07 -10.74 8.77
C ASN A 280 1.11 -11.49 7.85
N GLY A 281 0.47 -10.75 6.95
CA GLY A 281 -0.24 -11.33 5.80
C GLY A 281 -1.74 -11.44 6.04
N VAL A 282 -2.18 -11.00 7.23
CA VAL A 282 -3.58 -11.20 7.65
C VAL A 282 -4.39 -9.90 7.48
N TYR A 283 -5.30 -9.92 6.51
CA TYR A 283 -6.17 -8.79 6.21
C TYR A 283 -7.29 -8.63 7.29
N HIS A 284 -7.52 -7.40 7.76
CA HIS A 284 -8.75 -7.00 8.43
C HIS A 284 -9.37 -5.79 7.68
N GLN A 285 -10.63 -5.89 7.28
CA GLN A 285 -11.30 -4.81 6.58
C GLN A 285 -11.28 -3.45 7.31
N LYS A 286 -11.01 -2.38 6.56
CA LYS A 286 -11.02 -1.03 7.11
C LYS A 286 -12.39 -0.64 7.72
N HIS A 287 -12.42 0.22 8.74
CA HIS A 287 -13.70 0.75 9.16
C HIS A 287 -13.50 2.00 10.00
N VAL A 288 -14.45 2.90 9.88
CA VAL A 288 -14.46 4.11 10.65
C VAL A 288 -15.61 4.06 11.66
N ILE A 289 -16.64 3.25 11.37
CA ILE A 289 -17.75 2.90 12.31
C ILE A 289 -17.61 1.49 12.97
N SER A 290 -17.63 1.45 14.30
CA SER A 290 -17.61 0.16 14.97
C SER A 290 -19.02 -0.32 15.42
N LYS A 291 -19.93 0.60 15.63
CA LYS A 291 -21.23 0.29 16.25
C LYS A 291 -22.18 1.46 16.05
N ILE A 292 -23.40 1.15 15.61
CA ILE A 292 -24.54 2.04 15.83
C ILE A 292 -25.60 1.36 16.70
N GLU A 293 -26.16 2.13 17.64
CA GLU A 293 -27.22 1.63 18.51
C GLU A 293 -28.20 2.73 18.91
N ALA A 294 -29.47 2.31 19.02
CA ALA A 294 -30.58 3.16 19.40
C ALA A 294 -30.39 3.59 20.84
N ALA A 295 -31.11 4.65 21.23
CA ALA A 295 -31.12 5.15 22.61
C ALA A 295 -31.35 4.04 23.67
N ASP A 296 -32.32 3.14 23.44
CA ASP A 296 -32.56 1.97 24.32
C ASP A 296 -31.56 0.81 24.17
N GLY A 297 -30.56 0.98 23.32
CA GLY A 297 -29.47 0.01 23.28
C GLY A 297 -29.57 -1.02 22.17
N ARG A 298 -30.68 -1.05 21.44
CA ARG A 298 -30.78 -1.96 20.27
C ARG A 298 -29.55 -1.77 19.36
N VAL A 299 -28.93 -2.88 18.95
CA VAL A 299 -27.81 -2.78 18.03
C VAL A 299 -28.31 -2.76 16.60
N VAL A 300 -28.38 -1.58 16.00
CA VAL A 300 -28.68 -1.40 14.58
C VAL A 300 -27.53 -1.91 13.72
N TYR A 301 -26.28 -1.61 14.15
CA TYR A 301 -25.07 -2.00 13.40
C TYR A 301 -23.86 -2.35 14.26
N GLU A 302 -23.15 -3.40 13.85
CA GLU A 302 -21.91 -3.73 14.50
C GLU A 302 -20.84 -4.25 13.55
N TYR A 303 -19.65 -3.64 13.57
CA TYR A 303 -18.59 -4.16 12.77
C TYR A 303 -18.24 -5.59 13.20
N GLN A 304 -18.26 -6.48 12.21
CA GLN A 304 -17.97 -7.87 12.40
C GLN A 304 -16.59 -8.16 11.82
N ASP A 305 -15.63 -8.55 12.66
CA ASP A 305 -14.28 -8.76 12.14
C ASP A 305 -14.21 -10.05 11.32
N LYS A 306 -13.29 -10.12 10.38
CA LYS A 306 -13.29 -11.19 9.40
C LYS A 306 -11.87 -11.45 8.85
N PRO A 307 -10.93 -11.93 9.68
CA PRO A 307 -9.52 -12.01 9.21
C PRO A 307 -9.31 -12.97 8.00
N VAL A 308 -8.37 -12.69 7.11
CA VAL A 308 -8.10 -13.57 5.96
C VAL A 308 -6.58 -13.66 5.72
N GLN A 309 -6.04 -14.88 5.62
CA GLN A 309 -4.61 -15.01 5.42
C GLN A 309 -4.33 -14.81 3.94
N VAL A 310 -4.06 -13.58 3.52
CA VAL A 310 -3.84 -13.26 2.10
C VAL A 310 -2.46 -13.71 1.62
N TYR A 311 -1.42 -13.33 2.35
CA TYR A 311 -0.09 -13.87 2.05
C TYR A 311 0.25 -14.81 3.19
N SER A 312 1.04 -15.83 2.89
CA SER A 312 1.63 -16.66 3.94
C SER A 312 2.48 -15.77 4.86
N LYS A 313 2.61 -16.13 6.14
CA LYS A 313 3.48 -15.37 7.05
C LYS A 313 4.93 -15.26 6.51
N ALA A 314 5.41 -16.34 5.88
CA ALA A 314 6.73 -16.30 5.26
C ALA A 314 6.84 -15.13 4.24
N THR A 315 5.82 -15.03 3.39
CA THR A 315 5.83 -14.00 2.35
C THR A 315 5.83 -12.62 3.00
N ALA A 316 4.91 -12.41 3.93
CA ALA A 316 4.63 -11.08 4.47
C ALA A 316 5.85 -10.55 5.24
N THR A 317 6.57 -11.45 5.91
CA THR A 317 7.70 -11.05 6.75
C THR A 317 8.99 -10.91 5.92
N ILE A 318 9.15 -11.74 4.88
CA ILE A 318 10.19 -11.47 3.89
C ILE A 318 9.96 -10.06 3.26
N MET A 319 8.74 -9.80 2.83
CA MET A 319 8.41 -8.52 2.24
C MET A 319 8.71 -7.35 3.20
N GLN A 320 8.39 -7.50 4.50
CA GLN A 320 8.68 -6.48 5.49
C GLN A 320 10.17 -6.11 5.50
N GLY A 321 11.02 -7.15 5.49
CA GLY A 321 12.46 -7.05 5.36
C GLY A 321 12.90 -6.20 4.19
N LEU A 322 12.31 -6.42 3.02
CA LEU A 322 12.70 -5.68 1.83
C LEU A 322 12.23 -4.22 1.98
N LEU A 323 11.05 -4.04 2.54
CA LEU A 323 10.50 -2.71 2.58
C LEU A 323 11.17 -1.89 3.64
N ARG A 324 11.66 -2.51 4.69
CA ARG A 324 12.52 -1.82 5.62
C ARG A 324 13.63 -1.07 4.86
N GLU A 325 14.26 -1.74 3.89
CA GLU A 325 15.44 -1.14 3.24
C GLU A 325 15.08 -0.13 2.16
N VAL A 326 13.86 -0.20 1.65
CA VAL A 326 13.34 0.85 0.79
C VAL A 326 13.50 2.18 1.51
N LEU A 327 13.15 2.22 2.79
CA LEU A 327 13.23 3.49 3.53
C LEU A 327 14.65 3.76 4.02
N SER A 328 15.35 2.74 4.50
CA SER A 328 16.71 2.94 4.94
CA SER A 328 16.71 2.96 4.97
C SER A 328 17.63 3.40 3.83
N SER A 329 17.45 2.84 2.64
CA SER A 329 18.37 3.16 1.56
C SER A 329 18.23 4.62 1.14
N ARG A 330 17.07 5.22 1.43
CA ARG A 330 16.78 6.59 1.06
C ARG A 330 16.86 6.90 -0.43
N VAL A 331 16.63 5.91 -1.28
CA VAL A 331 16.69 6.19 -2.72
C VAL A 331 15.54 7.04 -3.27
N THR A 332 14.30 6.74 -2.90
CA THR A 332 13.19 7.40 -3.57
C THR A 332 12.43 8.21 -2.57
N THR A 333 12.91 8.23 -1.32
CA THR A 333 12.33 9.05 -0.25
C THR A 333 13.40 9.41 0.81
N THR A 334 13.24 10.60 1.38
CA THR A 334 14.17 11.14 2.35
C THR A 334 13.60 10.87 3.69
N PHE A 335 12.45 10.18 3.71
CA PHE A 335 11.64 10.11 4.94
C PHE A 335 12.43 9.87 6.26
N LYS A 336 13.30 8.90 6.25
CA LYS A 336 14.02 8.51 7.44
C LYS A 336 14.95 9.61 7.95
N SER A 337 15.48 10.42 7.03
CA SER A 337 16.33 11.57 7.40
C SER A 337 15.44 12.59 8.09
N ASN A 338 14.27 12.81 7.52
CA ASN A 338 13.34 13.84 7.97
C ASN A 338 12.91 13.49 9.38
N LEU A 339 12.51 12.23 9.58
CA LEU A 339 12.09 11.77 10.91
C LEU A 339 13.22 11.68 11.90
N THR A 340 14.38 11.18 11.47
CA THR A 340 15.55 11.20 12.37
C THR A 340 15.74 12.59 13.00
N SER A 341 15.63 13.66 12.19
CA SER A 341 15.83 14.99 12.70
C SER A 341 14.70 15.46 13.62
N LEU A 342 13.44 15.17 13.31
CA LEU A 342 12.37 15.63 14.19
C LEU A 342 12.29 14.84 15.46
N ASN A 343 12.65 13.57 15.42
CA ASN A 343 12.30 12.62 16.51
C ASN A 343 13.08 11.29 16.47
N PRO A 344 14.35 11.34 16.89
CA PRO A 344 15.27 10.28 16.56
C PRO A 344 14.82 9.01 17.25
N THR A 345 14.23 9.16 18.43
CA THR A 345 13.77 7.97 19.12
C THR A 345 12.63 7.33 18.35
N LEU A 346 11.74 8.13 17.74
CA LEU A 346 10.69 7.54 16.91
C LEU A 346 11.25 6.94 15.61
N ALA A 347 12.31 7.56 15.07
CA ALA A 347 12.95 7.08 13.81
C ALA A 347 13.57 5.71 14.00
N ASN A 348 13.84 5.33 15.25
CA ASN A 348 14.37 4.01 15.52
C ASN A 348 13.32 2.93 15.71
N ALA A 349 12.04 3.28 15.77
CA ALA A 349 11.00 2.28 15.62
C ALA A 349 11.23 1.56 14.28
N ASP A 350 10.61 0.40 14.10
CA ASP A 350 10.92 -0.42 12.92
C ASP A 350 10.02 -0.05 11.73
N TRP A 351 10.33 1.09 11.11
CA TRP A 351 9.61 1.60 9.92
C TRP A 351 9.88 0.80 8.63
N ILE A 352 8.82 0.45 7.88
CA ILE A 352 8.94 -0.07 6.51
C ILE A 352 8.01 0.71 5.61
N GLY A 353 8.22 0.68 4.30
CA GLY A 353 7.40 1.57 3.47
C GLY A 353 7.71 1.49 1.98
N LYS A 354 6.92 2.17 1.13
CA LYS A 354 7.18 2.16 -0.30
C LYS A 354 6.65 3.47 -0.87
N THR A 355 7.37 4.04 -1.82
CA THR A 355 6.85 5.27 -2.42
C THR A 355 6.10 4.94 -3.68
N GLY A 356 5.25 5.85 -4.18
CA GLY A 356 4.92 5.76 -5.61
C GLY A 356 4.87 7.08 -6.37
N THR A 357 4.99 7.01 -7.70
CA THR A 357 5.12 8.21 -8.57
C THR A 357 4.49 7.91 -9.94
N THR A 358 3.52 8.72 -10.38
CA THR A 358 2.87 8.42 -11.65
C THR A 358 3.77 8.96 -12.76
N GLY A 359 3.38 8.67 -13.99
CA GLY A 359 4.29 8.82 -15.10
C GLY A 359 4.58 10.25 -15.44
N GLN A 360 3.67 11.16 -15.10
CA GLN A 360 4.04 12.58 -15.25
C GLN A 360 3.96 13.32 -13.93
N ASP A 361 4.39 12.66 -12.86
CA ASP A 361 4.36 13.23 -11.51
C ASP A 361 3.00 13.82 -11.17
N GLU A 362 1.94 13.16 -11.62
CA GLU A 362 0.59 13.56 -11.21
C GLU A 362 0.27 13.19 -9.77
N ASN A 363 0.79 12.06 -9.29
CA ASN A 363 0.44 11.53 -7.97
C ASN A 363 1.70 11.00 -7.30
N MET A 364 1.84 11.28 -6.01
CA MET A 364 2.89 10.72 -5.19
C MET A 364 2.22 10.06 -4.03
N TRP A 365 2.72 8.88 -3.65
CA TRP A 365 2.28 8.15 -2.49
C TRP A 365 3.50 7.87 -1.63
N LEU A 366 3.24 7.72 -0.35
CA LEU A 366 4.15 7.11 0.56
C LEU A 366 3.30 6.31 1.53
N MET A 367 3.61 5.02 1.62
CA MET A 367 2.98 4.09 2.52
C MET A 367 4.01 3.74 3.63
N LEU A 368 3.63 3.92 4.89
CA LEU A 368 4.51 3.65 6.05
C LEU A 368 3.86 2.66 6.98
N SER A 369 4.66 1.73 7.51
CA SER A 369 4.19 0.95 8.67
C SER A 369 5.27 0.77 9.72
N THR A 370 4.83 0.65 10.97
CA THR A 370 5.46 -0.15 12.06
C THR A 370 4.63 -1.43 12.34
N PRO A 371 5.04 -2.36 13.24
CA PRO A 371 4.16 -3.53 13.42
C PRO A 371 2.72 -3.16 13.90
N ARG A 372 2.57 -2.02 14.57
CA ARG A 372 1.26 -1.63 15.08
C ARG A 372 0.39 -0.85 14.10
N LEU A 373 0.95 0.15 13.44
CA LEU A 373 0.14 1.04 12.57
C LEU A 373 0.62 1.06 11.13
N THR A 374 -0.29 1.37 10.23
CA THR A 374 0.06 1.72 8.89
C THR A 374 -0.48 3.12 8.64
N LEU A 375 0.37 4.01 8.10
CA LEU A 375 -0.04 5.37 7.71
C LEU A 375 0.01 5.50 6.20
N GLY A 376 -1.12 5.73 5.55
CA GLY A 376 -1.07 5.82 4.09
C GLY A 376 -1.03 7.28 3.67
N GLY A 377 -0.39 7.60 2.55
CA GLY A 377 -0.31 9.03 2.17
C GLY A 377 -0.32 9.27 0.68
N TRP A 378 -1.16 10.19 0.25
CA TRP A 378 -1.17 10.57 -1.16
C TRP A 378 -1.02 12.08 -1.26
N ILE A 379 -0.40 12.58 -2.31
CA ILE A 379 -0.55 14.04 -2.65
C ILE A 379 -0.72 14.18 -4.15
N GLY A 380 -1.25 15.31 -4.59
CA GLY A 380 -1.47 15.54 -6.04
C GLY A 380 -2.43 16.71 -6.23
N HIS A 381 -2.97 16.85 -7.45
CA HIS A 381 -3.82 17.94 -7.76
C HIS A 381 -5.18 17.39 -8.12
N ASP A 382 -6.23 18.07 -7.67
CA ASP A 382 -7.58 17.66 -7.98
C ASP A 382 -7.84 17.50 -9.50
N ASP A 383 -7.28 18.37 -10.34
CA ASP A 383 -7.43 18.23 -11.79
C ASP A 383 -6.31 17.38 -12.48
N ASN A 384 -5.45 16.75 -11.70
CA ASN A 384 -4.42 15.86 -12.28
C ASN A 384 -3.29 16.46 -13.08
N HIS A 385 -3.10 17.78 -13.04
CA HIS A 385 -1.81 18.29 -13.53
C HIS A 385 -0.56 17.82 -12.72
N SER A 386 0.60 17.87 -13.34
CA SER A 386 1.85 17.43 -12.71
C SER A 386 2.24 18.17 -11.43
N LEU A 387 2.82 17.43 -10.49
CA LEU A 387 3.65 17.99 -9.41
C LEU A 387 5.11 18.15 -9.88
N SER A 388 5.97 18.73 -9.04
CA SER A 388 7.39 18.90 -9.39
C SER A 388 8.07 17.55 -9.29
N GLN A 389 9.33 17.46 -9.71
CA GLN A 389 10.01 16.15 -9.78
C GLN A 389 10.13 15.57 -8.39
N GLN A 390 10.33 16.41 -7.39
CA GLN A 390 10.70 15.93 -6.08
C GLN A 390 9.57 16.01 -5.07
N ALA A 391 8.34 16.13 -5.54
CA ALA A 391 7.23 16.35 -4.61
C ALA A 391 7.06 15.14 -3.70
N GLY A 392 7.34 13.95 -4.26
CA GLY A 392 7.25 12.68 -3.50
C GLY A 392 8.50 12.37 -2.68
N TYR A 393 9.65 12.35 -3.35
CA TYR A 393 10.98 12.13 -2.74
C TYR A 393 11.19 13.03 -1.50
N SER A 394 10.90 14.32 -1.66
CA SER A 394 11.19 15.30 -0.61
C SER A 394 10.00 15.90 0.14
N ASN A 395 9.14 16.63 -0.57
CA ASN A 395 8.04 17.38 0.13
C ASN A 395 7.12 16.45 0.90
N ASN A 396 6.58 15.45 0.25
CA ASN A 396 5.63 14.55 0.92
C ASN A 396 6.37 13.77 2.03
N SER A 397 7.57 13.30 1.72
CA SER A 397 8.41 12.70 2.74
C SER A 397 8.56 13.59 3.97
N ASN A 398 8.89 14.87 3.77
CA ASN A 398 9.05 15.80 4.90
C ASN A 398 7.71 16.03 5.64
N TYR A 399 6.63 16.28 4.88
CA TYR A 399 5.29 16.45 5.47
C TYR A 399 4.90 15.26 6.31
N MET A 400 5.15 14.07 5.81
CA MET A 400 4.75 12.89 6.54
C MET A 400 5.51 12.65 7.80
N ALA A 401 6.80 12.99 7.77
CA ALA A 401 7.62 12.91 8.97
C ALA A 401 6.98 13.81 10.06
N HIS A 402 6.67 15.04 9.71
CA HIS A 402 5.90 15.94 10.63
C HIS A 402 4.59 15.29 11.13
N LEU A 403 3.87 14.64 10.22
CA LEU A 403 2.56 14.07 10.54
C LEU A 403 2.73 12.91 11.51
N VAL A 404 3.72 12.08 11.26
CA VAL A 404 4.00 10.95 12.10
C VAL A 404 4.45 11.41 13.50
N ASN A 405 5.15 12.54 13.54
CA ASN A 405 5.71 13.01 14.82
C ASN A 405 4.59 13.64 15.64
N ALA A 406 3.66 14.31 14.94
CA ALA A 406 2.45 14.86 15.57
C ALA A 406 1.63 13.74 16.23
N ILE A 407 1.46 12.65 15.52
CA ILE A 407 0.65 11.51 16.01
C ILE A 407 1.33 10.92 17.26
N GLN A 408 2.64 10.66 17.17
CA GLN A 408 3.39 10.23 18.36
C GLN A 408 3.33 11.17 19.59
N GLN A 409 3.48 12.49 19.40
CA GLN A 409 3.41 13.42 20.53
C GLN A 409 2.04 13.33 21.16
N ALA A 410 1.01 13.19 20.33
CA ALA A 410 -0.36 13.15 20.85
C ALA A 410 -0.72 11.83 21.52
N SER A 411 -0.07 10.74 21.13
CA SER A 411 -0.27 9.42 21.77
C SER A 411 1.05 8.57 21.75
N PRO A 412 1.84 8.69 22.80
CA PRO A 412 3.26 8.37 22.73
C PRO A 412 3.57 6.91 22.44
N SER A 413 2.67 6.00 22.80
CA SER A 413 2.92 4.56 22.65
C SER A 413 2.33 3.95 21.36
N ILE A 414 1.65 4.77 20.56
CA ILE A 414 0.82 4.26 19.46
C ILE A 414 1.55 3.59 18.34
N TRP A 415 2.78 4.05 18.01
CA TRP A 415 3.52 3.40 16.92
C TRP A 415 4.19 2.15 17.44
N GLY A 416 4.43 2.10 18.76
CA GLY A 416 5.03 0.91 19.41
C GLY A 416 6.50 0.71 19.08
N ASN A 417 7.16 -0.14 19.86
CA ASN A 417 8.59 -0.45 19.68
C ASN A 417 8.90 -1.88 19.16
N GLU A 418 7.90 -2.56 18.63
CA GLU A 418 8.12 -3.93 18.23
C GLU A 418 8.95 -3.99 16.96
N ARG A 419 9.62 -5.12 16.70
CA ARG A 419 10.33 -5.30 15.41
C ARG A 419 9.53 -6.22 14.50
N PHE A 420 9.45 -5.90 13.23
CA PHE A 420 9.19 -6.94 12.20
C PHE A 420 10.28 -8.01 12.25
N ALA A 421 9.91 -9.26 12.04
CA ALA A 421 10.90 -10.35 12.14
C ALA A 421 10.51 -11.43 11.17
N LEU A 422 11.50 -12.14 10.63
CA LEU A 422 11.26 -13.29 9.76
C LEU A 422 10.45 -14.34 10.50
N ASP A 423 9.41 -14.89 9.88
CA ASP A 423 8.63 -15.95 10.50
C ASP A 423 9.37 -17.29 10.48
N PRO A 424 9.22 -18.08 11.54
CA PRO A 424 9.99 -19.35 11.64
C PRO A 424 9.89 -20.12 10.34
N SER A 425 8.78 -19.95 9.63
CA SER A 425 8.50 -20.83 8.51
C SER A 425 9.24 -20.37 7.24
N VAL A 426 9.91 -19.23 7.28
CA VAL A 426 10.73 -18.82 6.15
C VAL A 426 11.87 -19.81 5.97
N VAL A 427 12.11 -20.18 4.72
CA VAL A 427 13.24 -21.03 4.33
C VAL A 427 14.37 -20.14 3.86
N LYS A 428 15.61 -20.54 4.12
CA LYS A 428 16.76 -19.71 3.84
C LYS A 428 17.75 -20.48 2.97
N SER A 429 17.86 -20.15 1.69
CA SER A 429 18.85 -20.81 0.83
C SER A 429 20.16 -20.02 0.69
N GLU A 430 21.28 -20.73 0.56
CA GLU A 430 22.55 -20.13 0.15
C GLU A 430 22.61 -20.04 -1.38
N VAL A 431 22.74 -18.82 -1.90
CA VAL A 431 22.84 -18.58 -3.35
C VAL A 431 24.00 -17.63 -3.77
N LEU A 432 24.56 -17.86 -4.97
CA LEU A 432 25.37 -16.87 -5.69
C LEU A 432 24.73 -15.48 -5.82
N LYS A 433 25.35 -14.49 -5.16
CA LYS A 433 25.04 -13.08 -5.35
C LYS A 433 24.76 -12.70 -6.83
N SER A 434 25.44 -13.34 -7.78
CA SER A 434 25.27 -13.00 -9.19
C SER A 434 24.17 -13.75 -9.96
N THR A 435 23.68 -14.87 -9.47
CA THR A 435 22.53 -15.49 -10.12
C THR A 435 21.32 -15.52 -9.20
N GLY A 436 21.56 -15.28 -7.91
CA GLY A 436 20.51 -15.41 -6.93
C GLY A 436 19.97 -16.83 -6.91
N GLN A 437 20.74 -17.75 -7.49
CA GLN A 437 20.43 -19.19 -7.40
C GLN A 437 21.64 -20.01 -6.94
N LYS A 438 21.39 -21.28 -6.63
CA LYS A 438 22.40 -22.15 -6.05
C LYS A 438 23.43 -22.50 -7.10
N PRO A 439 24.69 -22.55 -6.64
CA PRO A 439 25.84 -22.84 -7.52
C PRO A 439 25.83 -24.27 -8.03
N GLY A 440 26.57 -24.54 -9.11
CA GLY A 440 26.34 -25.72 -9.93
C GLY A 440 26.69 -25.43 -11.37
N LYS A 441 27.00 -26.47 -12.13
CA LYS A 441 27.29 -26.28 -13.55
C LYS A 441 26.08 -25.75 -14.34
N VAL A 442 26.38 -25.11 -15.47
CA VAL A 442 25.37 -24.47 -16.33
C VAL A 442 25.94 -24.43 -17.75
N SER A 443 25.06 -24.45 -18.75
CA SER A 443 25.50 -24.46 -20.15
C SER A 443 25.54 -23.07 -20.80
N VAL A 444 26.72 -22.68 -21.28
CA VAL A 444 26.91 -21.44 -22.05
C VAL A 444 27.55 -21.68 -23.41
N GLU A 445 26.69 -21.79 -24.43
CA GLU A 445 27.14 -21.86 -25.81
C GLU A 445 28.32 -22.77 -25.88
N GLY A 446 28.03 -24.07 -25.80
CA GLY A 446 29.05 -25.10 -25.84
C GLY A 446 29.26 -25.66 -24.45
N LYS A 447 30.32 -25.15 -23.79
CA LYS A 447 30.89 -25.80 -22.62
C LYS A 447 30.05 -25.60 -21.34
N GLU A 448 30.11 -26.58 -20.43
CA GLU A 448 29.55 -26.45 -19.09
C GLU A 448 30.51 -25.68 -18.18
N VAL A 449 29.97 -24.84 -17.30
CA VAL A 449 30.78 -23.87 -16.57
C VAL A 449 30.58 -24.03 -15.07
N GLU A 450 31.66 -24.04 -14.30
CA GLU A 450 31.57 -24.15 -12.85
C GLU A 450 31.12 -22.86 -12.19
N VAL A 451 29.82 -22.74 -11.96
CA VAL A 451 29.27 -21.47 -11.56
C VAL A 451 29.56 -21.14 -10.11
N THR A 452 30.35 -20.07 -9.93
CA THR A 452 31.14 -19.84 -8.73
C THR A 452 31.09 -18.38 -8.28
N GLY A 453 31.72 -18.05 -7.15
CA GLY A 453 31.89 -16.65 -6.72
C GLY A 453 31.11 -16.34 -5.46
N SER A 454 31.18 -15.10 -4.96
CA SER A 454 30.61 -14.78 -3.65
C SER A 454 29.10 -15.06 -3.51
N THR A 455 28.62 -15.24 -2.28
CA THR A 455 27.27 -15.77 -2.03
C THR A 455 26.48 -15.02 -0.94
N VAL A 456 25.21 -15.40 -0.74
CA VAL A 456 24.28 -14.65 0.12
C VAL A 456 23.08 -15.53 0.54
N THR A 457 22.52 -15.26 1.70
CA THR A 457 21.31 -15.96 2.07
C THR A 457 20.15 -15.40 1.31
N SER A 458 19.36 -16.25 0.69
CA SER A 458 18.13 -15.75 0.08
C SER A 458 16.95 -16.31 0.85
N TYR A 459 15.95 -15.49 1.10
CA TYR A 459 14.74 -15.92 1.79
C TYR A 459 13.63 -16.32 0.84
N TRP A 460 13.15 -17.56 0.99
CA TRP A 460 12.01 -18.06 0.19
C TRP A 460 10.74 -18.37 0.99
N ALA A 461 9.58 -18.42 0.32
CA ALA A 461 8.30 -18.71 0.98
C ALA A 461 7.68 -20.00 0.41
N ASN A 462 8.52 -20.91 -0.06
CA ASN A 462 8.01 -22.22 -0.47
C ASN A 462 8.45 -23.32 0.51
N LYS A 463 8.52 -24.56 0.05
CA LYS A 463 9.00 -25.64 0.86
C LYS A 463 10.52 -25.83 0.72
N SER A 464 11.04 -25.63 -0.50
CA SER A 464 12.40 -26.03 -0.92
C SER A 464 13.47 -24.95 -0.91
N GLY A 465 13.05 -23.68 -0.84
CA GLY A 465 13.90 -22.55 -1.21
C GLY A 465 14.36 -22.44 -2.67
N ALA A 466 15.53 -21.83 -2.86
CA ALA A 466 16.02 -21.47 -4.20
C ALA A 466 16.49 -22.69 -4.98
N PRO A 467 16.27 -22.72 -6.29
CA PRO A 467 16.70 -23.84 -7.14
C PRO A 467 18.16 -23.81 -7.63
N ALA A 468 18.55 -24.90 -8.30
CA ALA A 468 19.83 -24.96 -9.01
C ALA A 468 19.93 -23.72 -9.89
N THR A 469 21.13 -23.21 -10.04
CA THR A 469 21.36 -22.14 -11.01
C THR A 469 21.07 -22.73 -12.40
N SER A 470 20.27 -22.06 -13.21
CA SER A 470 20.15 -22.48 -14.62
C SER A 470 20.39 -21.25 -15.47
N TYR A 471 20.56 -21.46 -16.77
CA TYR A 471 20.93 -20.36 -17.66
C TYR A 471 20.01 -19.11 -17.64
N ARG A 472 18.74 -19.31 -17.97
CA ARG A 472 17.76 -18.26 -17.80
C ARG A 472 17.53 -17.90 -16.32
N PHE A 473 18.57 -17.45 -15.65
CA PHE A 473 18.47 -17.30 -14.21
C PHE A 473 17.56 -16.18 -13.69
N ALA A 474 17.48 -15.05 -14.38
CA ALA A 474 16.78 -13.87 -13.81
C ALA A 474 15.31 -13.98 -14.10
N ILE A 475 14.48 -13.18 -13.44
CA ILE A 475 13.11 -12.95 -13.91
C ILE A 475 13.16 -12.02 -15.15
N GLY A 476 12.96 -12.59 -16.33
CA GLY A 476 12.94 -11.82 -17.57
C GLY A 476 14.26 -11.82 -18.31
N GLY A 477 14.31 -11.07 -19.39
CA GLY A 477 15.55 -10.89 -20.12
C GLY A 477 15.38 -11.52 -21.48
N SER A 478 16.04 -10.94 -22.48
CA SER A 478 16.04 -11.49 -23.83
C SER A 478 17.29 -12.33 -24.05
N ASP A 479 17.37 -12.98 -25.20
CA ASP A 479 18.54 -13.79 -25.46
C ASP A 479 19.84 -12.96 -25.39
N ALA A 480 19.87 -11.78 -26.02
CA ALA A 480 21.05 -10.93 -25.96
C ALA A 480 21.37 -10.55 -24.52
N ASP A 481 20.36 -10.07 -23.79
CA ASP A 481 20.46 -9.81 -22.35
C ASP A 481 21.32 -10.89 -21.66
N TYR A 482 20.84 -12.13 -21.66
CA TYR A 482 21.58 -13.24 -21.03
C TYR A 482 22.98 -13.49 -21.63
N GLN A 483 23.11 -13.35 -22.96
CA GLN A 483 24.42 -13.38 -23.62
C GLN A 483 25.38 -12.39 -22.98
N ASN A 484 24.91 -11.15 -22.78
CA ASN A 484 25.68 -10.08 -22.15
C ASN A 484 25.92 -10.38 -20.68
N ALA A 485 24.90 -10.95 -20.04
CA ALA A 485 24.91 -11.16 -18.61
C ALA A 485 25.92 -12.22 -18.27
N TRP A 486 25.85 -13.31 -19.01
CA TRP A 486 26.69 -14.46 -18.78
C TRP A 486 28.13 -14.19 -19.18
N SER A 487 28.32 -13.36 -20.21
CA SER A 487 29.66 -12.85 -20.53
C SER A 487 30.28 -12.22 -19.29
N SER A 488 29.59 -11.28 -18.68
CA SER A 488 30.13 -10.57 -17.52
C SER A 488 30.40 -11.47 -16.32
N ILE A 489 29.44 -12.32 -16.01
CA ILE A 489 29.53 -13.28 -14.92
C ILE A 489 30.75 -14.19 -15.10
N VAL A 490 30.93 -14.72 -16.30
CA VAL A 490 32.07 -15.59 -16.62
C VAL A 490 33.45 -14.95 -16.33
N GLY A 491 33.76 -13.86 -17.01
CA GLY A 491 35.03 -13.15 -16.82
C GLY A 491 35.36 -12.74 -15.39
N SER A 492 34.61 -13.24 -14.42
CA SER A 492 34.87 -12.98 -13.00
C SER A 492 35.28 -14.23 -12.25
N LEU A 493 34.84 -15.12 -12.68
CA LEU A 493 35.46 -16.31 -12.09
C LEU A 493 36.97 -16.33 -12.36
#